data_2EVY
#
_entry.id   2EVY
#
_cell.length_a   1.000
_cell.length_b   1.000
_cell.length_c   1.000
_cell.angle_alpha   90.00
_cell.angle_beta   90.00
_cell.angle_gamma   90.00
#
_symmetry.space_group_name_H-M   'P 1'
#
_entity_poly.entity_id   1
_entity_poly.type   'polyribonucleotide'
_entity_poly.pdbx_seq_one_letter_code
;GGUAUGCUAGUACC
;
_entity_poly.pdbx_strand_id   A
#